data_5B7V
#
_entry.id   5B7V
#
_cell.length_a   211.210
_cell.length_b   56.750
_cell.length_c   65.450
_cell.angle_alpha   90.000
_cell.angle_beta   107.430
_cell.angle_gamma   90.000
#
_symmetry.space_group_name_H-M   'C 1 2 1'
#
loop_
_entity.id
_entity.type
_entity.pdbx_description
1 polymer 'Fibroblast growth factor receptor 1'
2 non-polymer [5-amino-1-(2-methyl-1H-benzimidazol-6-yl)-1H-pyrazol-4-yl](1H-indol-2-yl)methanone
3 non-polymer 'SULFATE ION'
4 water water
#
_entity_poly.entity_id   1
_entity_poly.type   'polypeptide(L)'
_entity_poly.pdbx_seq_one_letter_code
;MVAGVSEYELPEDPRWELPRDRLVLGKPLGEGAFGQVVLAEAIGLDKDKPNRVTKVAVKMLKSDATEKDLSDLISEMEMM
KMIGKHKNIINLLGACTQDGPLYVIVEYASKGNLREYLQARRPPGLEYSYNPSHNPEEQLSSKDLVSCAYQVARGMEYLA
SKKCIHRDLAARNVLVTEDNVMKIADFGLARDIHHIDYYKKTTNGRLPVKWMAPEALFDRIYTHQSDVWSFGVLLWEIFT
LGGSPYPGVPVEELFKLLKEGHRMDKPSNCTNELYMMMRDCWHAVPSQRPTFKQLVEDLDRIVALTSNQE
;
_entity_poly.pdbx_strand_id   A,B
#
loop_
_chem_comp.id
_chem_comp.type
_chem_comp.name
_chem_comp.formula
LWJ non-polymer [5-amino-1-(2-methyl-1H-benzimidazol-6-yl)-1H-pyrazol-4-yl](1H-indol-2-yl)methanone 'C20 H16 N6 O'
SO4 non-polymer 'SULFATE ION' 'O4 S -2'
#
# COMPACT_ATOMS: atom_id res chain seq x y z
N GLU A 9 2.85 1.09 -51.06
CA GLU A 9 1.91 1.64 -52.03
C GLU A 9 1.01 2.74 -51.40
N LEU A 10 1.61 3.56 -50.51
CA LEU A 10 0.95 4.64 -49.80
C LEU A 10 0.89 5.93 -50.61
N PRO A 11 -0.21 6.72 -50.50
CA PRO A 11 -0.26 8.00 -51.24
C PRO A 11 0.61 9.06 -50.56
N GLU A 12 1.24 9.92 -51.35
CA GLU A 12 2.11 10.97 -50.82
C GLU A 12 1.26 12.12 -50.30
N ASP A 13 1.69 12.69 -49.16
CA ASP A 13 1.05 13.82 -48.53
C ASP A 13 2.14 14.90 -48.36
N PRO A 14 2.20 15.90 -49.29
CA PRO A 14 3.28 16.92 -49.21
C PRO A 14 3.28 17.80 -47.97
N ARG A 15 2.24 17.69 -47.11
CA ARG A 15 2.13 18.43 -45.85
C ARG A 15 3.14 17.87 -44.83
N TRP A 16 3.43 16.57 -44.90
CA TRP A 16 4.25 15.83 -43.96
C TRP A 16 5.46 15.08 -44.55
N GLU A 17 5.52 14.89 -45.87
CA GLU A 17 6.56 14.10 -46.56
C GLU A 17 7.99 14.62 -46.40
N LEU A 18 8.89 13.77 -45.87
CA LEU A 18 10.32 14.13 -45.75
C LEU A 18 11.14 13.16 -46.60
N PRO A 19 12.02 13.62 -47.55
CA PRO A 19 12.84 12.67 -48.33
C PRO A 19 13.62 11.73 -47.42
N ARG A 20 13.62 10.44 -47.74
CA ARG A 20 14.29 9.35 -47.00
C ARG A 20 15.78 9.67 -46.65
N ASP A 21 16.47 10.38 -47.56
CA ASP A 21 17.87 10.76 -47.41
C ASP A 21 18.10 11.87 -46.35
N ARG A 22 17.03 12.53 -45.87
CA ARG A 22 17.11 13.60 -44.86
C ARG A 22 17.02 13.06 -43.44
N LEU A 23 16.95 11.73 -43.30
CA LEU A 23 16.82 11.07 -42.02
C LEU A 23 18.00 10.10 -41.75
N VAL A 24 18.88 10.51 -40.81
CA VAL A 24 20.08 9.76 -40.39
C VAL A 24 19.66 8.87 -39.21
N LEU A 25 19.42 7.58 -39.47
CA LEU A 25 18.97 6.64 -38.42
C LEU A 25 20.06 6.29 -37.42
N GLY A 26 19.68 6.30 -36.14
CA GLY A 26 20.55 6.02 -35.02
C GLY A 26 20.11 4.86 -34.15
N LYS A 27 20.39 4.96 -32.85
CA LYS A 27 20.11 3.90 -31.87
C LYS A 27 18.61 3.63 -31.62
N PRO A 28 18.22 2.39 -31.23
CA PRO A 28 16.81 2.13 -30.92
C PRO A 28 16.39 2.76 -29.59
N LEU A 29 15.10 3.08 -29.45
CA LEU A 29 14.55 3.70 -28.25
C LEU A 29 13.47 2.82 -27.64
N GLY A 30 12.36 2.67 -28.38
CA GLY A 30 11.19 1.90 -27.96
C GLY A 30 11.22 0.45 -28.35
N GLU A 31 10.55 -0.39 -27.53
CA GLU A 31 10.43 -1.84 -27.67
C GLU A 31 9.05 -2.20 -28.25
N GLN A 36 8.11 -0.59 -33.09
CA GLN A 36 9.55 -0.35 -33.05
C GLN A 36 9.87 1.14 -33.30
N VAL A 37 10.66 1.76 -32.39
CA VAL A 37 11.05 3.19 -32.43
C VAL A 37 12.58 3.41 -32.35
N VAL A 38 13.13 4.28 -33.22
CA VAL A 38 14.58 4.60 -33.22
C VAL A 38 14.83 6.12 -33.09
N LEU A 39 15.97 6.48 -32.51
CA LEU A 39 16.42 7.87 -32.44
C LEU A 39 17.03 8.16 -33.81
N ALA A 40 16.78 9.36 -34.35
CA ALA A 40 17.32 9.77 -35.65
C ALA A 40 17.62 11.24 -35.67
N GLU A 41 18.29 11.67 -36.73
CA GLU A 41 18.59 13.07 -36.97
C GLU A 41 17.99 13.44 -38.32
N ALA A 42 17.14 14.48 -38.31
CA ALA A 42 16.49 14.95 -39.52
C ALA A 42 17.12 16.24 -39.98
N ILE A 43 17.52 16.28 -41.26
CA ILE A 43 18.15 17.45 -41.88
C ILE A 43 17.06 18.23 -42.58
N GLY A 44 16.95 19.53 -42.28
CA GLY A 44 16.00 20.43 -42.91
C GLY A 44 14.55 20.03 -42.82
N LEU A 45 14.12 19.63 -41.60
CA LEU A 45 12.75 19.24 -41.26
C LEU A 45 11.84 20.45 -41.51
N ASP A 46 12.29 21.61 -41.02
CA ASP A 46 11.68 22.92 -41.21
C ASP A 46 12.27 23.47 -42.53
N LYS A 47 11.40 23.80 -43.50
CA LYS A 47 11.76 24.30 -44.83
C LYS A 47 12.58 25.61 -44.80
N ASP A 48 12.31 26.47 -43.79
CA ASP A 48 12.99 27.75 -43.57
C ASP A 48 14.43 27.59 -43.06
N LYS A 49 14.75 26.41 -42.47
CA LYS A 49 16.07 26.08 -41.93
C LYS A 49 16.57 24.75 -42.56
N PRO A 50 17.12 24.75 -43.81
CA PRO A 50 17.54 23.47 -44.42
C PRO A 50 18.86 22.89 -43.91
N ASN A 51 19.74 23.72 -43.32
CA ASN A 51 21.05 23.27 -42.84
C ASN A 51 21.12 23.00 -41.32
N ARG A 52 19.98 22.65 -40.72
CA ARG A 52 19.92 22.35 -39.29
C ARG A 52 19.45 20.93 -39.04
N VAL A 53 20.02 20.28 -38.02
CA VAL A 53 19.60 18.93 -37.66
C VAL A 53 18.73 18.98 -36.41
N THR A 54 17.74 18.08 -36.38
CA THR A 54 16.82 17.93 -35.25
C THR A 54 16.81 16.47 -34.86
N LYS A 55 16.99 16.22 -33.56
CA LYS A 55 16.87 14.87 -33.01
C LYS A 55 15.36 14.53 -33.00
N VAL A 56 14.99 13.42 -33.62
CA VAL A 56 13.61 12.95 -33.76
C VAL A 56 13.48 11.46 -33.35
N ALA A 57 12.24 11.02 -33.08
CA ALA A 57 11.91 9.63 -32.79
C ALA A 57 11.19 9.11 -34.03
N VAL A 58 11.64 7.96 -34.54
CA VAL A 58 11.09 7.36 -35.77
C VAL A 58 10.39 6.04 -35.49
N LYS A 59 9.08 5.94 -35.81
CA LYS A 59 8.36 4.68 -35.63
C LYS A 59 8.24 3.98 -36.98
N MET A 60 8.56 2.68 -36.99
CA MET A 60 8.57 1.83 -38.18
C MET A 60 8.15 0.41 -37.81
N LEU A 61 7.84 -0.40 -38.81
CA LEU A 61 7.41 -1.79 -38.61
C LEU A 61 8.58 -2.72 -38.26
N LYS A 62 8.26 -3.86 -37.61
CA LYS A 62 9.22 -4.90 -37.25
C LYS A 62 9.43 -5.89 -38.45
N SER A 63 10.33 -6.89 -38.32
CA SER A 63 10.61 -7.89 -39.35
C SER A 63 9.39 -8.79 -39.61
N ASP A 64 8.68 -9.20 -38.55
CA ASP A 64 7.48 -10.04 -38.61
C ASP A 64 6.19 -9.20 -38.70
N ALA A 65 6.26 -8.05 -39.41
CA ALA A 65 5.15 -7.12 -39.57
C ALA A 65 3.95 -7.74 -40.29
N THR A 66 2.76 -7.59 -39.68
CA THR A 66 1.48 -8.07 -40.18
C THR A 66 0.88 -6.95 -41.04
N GLU A 67 -0.07 -7.27 -41.92
CA GLU A 67 -0.76 -6.27 -42.75
C GLU A 67 -1.67 -5.41 -41.89
N LYS A 68 -2.05 -5.92 -40.71
CA LYS A 68 -2.85 -5.19 -39.73
C LYS A 68 -1.92 -4.26 -38.97
N ASP A 69 -0.68 -4.74 -38.64
CA ASP A 69 0.35 -3.95 -37.96
C ASP A 69 0.74 -2.73 -38.81
N LEU A 70 0.72 -2.90 -40.15
CA LEU A 70 0.99 -1.85 -41.13
C LEU A 70 -0.18 -0.87 -41.16
N SER A 71 -1.43 -1.39 -41.23
CA SER A 71 -2.66 -0.58 -41.25
C SER A 71 -2.80 0.24 -39.98
N ASP A 72 -2.35 -0.31 -38.84
CA ASP A 72 -2.40 0.35 -37.54
C ASP A 72 -1.41 1.53 -37.48
N LEU A 73 -0.22 1.36 -38.10
CA LEU A 73 0.81 2.41 -38.14
C LEU A 73 0.30 3.60 -38.97
N ILE A 74 -0.38 3.30 -40.09
CA ILE A 74 -1.01 4.26 -41.01
C ILE A 74 -2.10 5.03 -40.26
N SER A 75 -2.99 4.31 -39.58
CA SER A 75 -4.10 4.84 -38.78
C SER A 75 -3.58 5.78 -37.69
N GLU A 76 -2.50 5.37 -36.99
CA GLU A 76 -1.81 6.15 -35.94
C GLU A 76 -1.30 7.50 -36.54
N MET A 77 -0.68 7.44 -37.73
CA MET A 77 -0.15 8.61 -38.45
C MET A 77 -1.29 9.55 -38.88
N GLU A 78 -2.35 8.96 -39.48
CA GLU A 78 -3.52 9.72 -39.94
C GLU A 78 -4.23 10.41 -38.79
N MET A 79 -4.28 9.73 -37.62
CA MET A 79 -4.86 10.24 -36.37
C MET A 79 -4.04 11.44 -35.87
N MET A 80 -2.70 11.27 -35.81
CA MET A 80 -1.78 12.33 -35.39
C MET A 80 -1.91 13.60 -36.28
N LYS A 81 -2.10 13.42 -37.62
CA LYS A 81 -2.34 14.52 -38.58
C LYS A 81 -3.58 15.33 -38.20
N MET A 82 -4.69 14.67 -37.83
CA MET A 82 -5.97 15.32 -37.45
C MET A 82 -5.96 15.99 -36.08
N ILE A 83 -5.37 15.34 -35.04
CA ILE A 83 -5.42 15.85 -33.64
C ILE A 83 -4.84 17.26 -33.51
N GLY A 84 -3.80 17.58 -34.28
CA GLY A 84 -3.22 18.91 -34.18
C GLY A 84 -2.17 19.00 -33.08
N LYS A 85 -1.49 20.14 -33.02
CA LYS A 85 -0.39 20.38 -32.10
C LYS A 85 -0.75 20.92 -30.74
N HIS A 86 -0.07 20.36 -29.76
CA HIS A 86 -0.09 20.82 -28.38
C HIS A 86 1.26 20.54 -27.74
N LYS A 87 1.72 21.47 -26.92
CA LYS A 87 2.96 21.44 -26.14
C LYS A 87 3.10 20.19 -25.23
N ASN A 88 1.97 19.67 -24.68
CA ASN A 88 2.00 18.58 -23.72
C ASN A 88 1.55 17.23 -24.28
N ILE A 89 1.77 17.04 -25.58
CA ILE A 89 1.56 15.74 -26.25
C ILE A 89 2.77 15.48 -27.18
N ILE A 90 3.01 14.23 -27.58
CA ILE A 90 4.04 13.90 -28.58
C ILE A 90 3.41 14.24 -29.93
N ASN A 91 4.01 15.23 -30.63
CA ASN A 91 3.55 15.74 -31.92
C ASN A 91 4.19 15.10 -33.13
N LEU A 92 3.39 14.98 -34.19
CA LEU A 92 3.82 14.49 -35.50
C LEU A 92 4.69 15.59 -36.11
N LEU A 93 5.81 15.19 -36.70
CA LEU A 93 6.78 16.09 -37.36
C LEU A 93 6.88 15.84 -38.85
N GLY A 94 6.68 14.60 -39.27
CA GLY A 94 6.81 14.26 -40.68
C GLY A 94 6.67 12.78 -40.94
N ALA A 95 6.92 12.36 -42.19
CA ALA A 95 6.79 10.95 -42.61
C ALA A 95 7.55 10.66 -43.89
N CYS A 96 8.05 9.41 -44.01
CA CYS A 96 8.71 8.87 -45.20
C CYS A 96 7.77 7.74 -45.61
N THR A 97 6.93 7.98 -46.61
CA THR A 97 5.92 7.02 -47.10
C THR A 97 6.31 6.44 -48.47
N GLN A 98 7.25 7.11 -49.17
CA GLN A 98 7.65 6.74 -50.52
C GLN A 98 8.99 6.02 -50.61
N ASP A 99 9.06 5.06 -51.57
CA ASP A 99 10.22 4.27 -52.01
C ASP A 99 10.96 3.58 -50.84
N GLY A 100 10.22 2.82 -50.05
CA GLY A 100 10.76 2.10 -48.90
C GLY A 100 9.75 1.87 -47.79
N PRO A 101 10.19 1.41 -46.60
CA PRO A 101 9.25 1.16 -45.49
C PRO A 101 8.73 2.45 -44.85
N LEU A 102 7.48 2.44 -44.36
CA LEU A 102 6.84 3.59 -43.74
C LEU A 102 7.54 4.02 -42.46
N TYR A 103 7.90 5.31 -42.39
CA TYR A 103 8.53 5.92 -41.22
C TYR A 103 7.59 7.02 -40.72
N VAL A 104 7.21 6.97 -39.44
CA VAL A 104 6.37 7.99 -38.81
C VAL A 104 7.32 8.78 -37.92
N ILE A 105 7.48 10.09 -38.21
CA ILE A 105 8.44 10.94 -37.51
C ILE A 105 7.73 11.79 -36.47
N VAL A 106 8.12 11.60 -35.20
CA VAL A 106 7.52 12.29 -34.07
C VAL A 106 8.58 12.96 -33.21
N GLU A 107 8.15 13.79 -32.24
CA GLU A 107 9.01 14.50 -31.30
C GLU A 107 9.79 13.53 -30.39
N TYR A 108 11.07 13.85 -30.16
CA TYR A 108 11.94 13.05 -29.31
C TYR A 108 11.97 13.65 -27.92
N ALA A 109 11.75 12.78 -26.92
CA ALA A 109 11.75 13.16 -25.50
C ALA A 109 13.05 12.56 -24.89
N SER A 110 14.13 13.36 -24.83
CA SER A 110 15.46 12.92 -24.39
C SER A 110 15.54 12.29 -23.00
N LYS A 111 14.74 12.78 -22.04
CA LYS A 111 14.74 12.30 -20.66
C LYS A 111 13.87 11.04 -20.42
N GLY A 112 13.26 10.50 -21.48
CA GLY A 112 12.45 9.29 -21.40
C GLY A 112 11.15 9.40 -20.63
N ASN A 113 10.51 8.23 -20.34
CA ASN A 113 9.22 8.16 -19.66
C ASN A 113 9.25 8.70 -18.21
N LEU A 114 8.09 9.24 -17.76
CA LEU A 114 7.89 9.88 -16.46
C LEU A 114 8.19 8.98 -15.25
N ARG A 115 7.83 7.68 -15.31
CA ARG A 115 8.04 6.71 -14.21
C ARG A 115 9.55 6.60 -13.82
N GLU A 116 10.43 6.37 -14.84
CA GLU A 116 11.89 6.29 -14.71
C GLU A 116 12.43 7.63 -14.25
N TYR A 117 12.00 8.73 -14.92
CA TYR A 117 12.39 10.10 -14.59
C TYR A 117 12.17 10.38 -13.08
N LEU A 118 10.99 10.00 -12.54
CA LEU A 118 10.68 10.16 -11.11
C LEU A 118 11.55 9.22 -10.23
N GLN A 119 11.76 7.96 -10.68
CA GLN A 119 12.55 6.95 -9.96
C GLN A 119 14.01 7.39 -9.79
N ALA A 120 14.61 7.90 -10.89
CA ALA A 120 15.96 8.44 -10.99
C ALA A 120 16.18 9.64 -10.07
N ARG A 121 15.11 10.29 -9.62
CA ARG A 121 15.19 11.48 -8.78
C ARG A 121 14.69 11.26 -7.35
N ARG A 122 14.58 9.98 -6.94
CA ARG A 122 14.18 9.62 -5.57
C ARG A 122 15.35 9.94 -4.60
N PRO A 123 15.10 10.26 -3.30
CA PRO A 123 16.23 10.50 -2.38
C PRO A 123 16.98 9.18 -2.08
N PRO A 124 18.26 9.22 -1.60
CA PRO A 124 18.98 7.95 -1.32
C PRO A 124 18.48 7.23 -0.06
N PRO A 136 19.47 14.43 -14.41
CA PRO A 136 20.21 14.29 -13.14
C PRO A 136 19.51 13.38 -12.13
N GLU A 137 19.93 13.48 -10.86
CA GLU A 137 19.37 12.77 -9.71
C GLU A 137 18.85 13.83 -8.73
N GLU A 138 19.05 15.14 -9.10
CA GLU A 138 18.65 16.36 -8.37
C GLU A 138 17.18 16.30 -7.98
N GLN A 139 16.93 16.32 -6.65
CA GLN A 139 15.61 16.19 -6.06
C GLN A 139 14.58 17.17 -6.61
N LEU A 140 13.41 16.64 -6.99
CA LEU A 140 12.31 17.42 -7.51
C LEU A 140 11.60 18.03 -6.30
N SER A 141 11.36 19.34 -6.33
CA SER A 141 10.65 20.02 -5.24
C SER A 141 9.15 19.69 -5.32
N SER A 142 8.37 20.05 -4.27
CA SER A 142 6.94 19.81 -4.29
C SER A 142 6.23 20.63 -5.39
N LYS A 143 6.77 21.83 -5.74
CA LYS A 143 6.25 22.66 -6.84
C LYS A 143 6.50 21.97 -8.19
N ASP A 144 7.66 21.28 -8.34
CA ASP A 144 7.99 20.49 -9.54
C ASP A 144 7.01 19.31 -9.71
N LEU A 145 6.54 18.72 -8.60
CA LEU A 145 5.64 17.58 -8.64
C LEU A 145 4.22 17.99 -9.05
N VAL A 146 3.71 19.09 -8.47
CA VAL A 146 2.39 19.64 -8.77
C VAL A 146 2.38 20.20 -10.19
N SER A 147 3.53 20.71 -10.67
CA SER A 147 3.68 21.25 -12.03
C SER A 147 3.66 20.12 -13.06
N CYS A 148 4.30 19.00 -12.73
CA CYS A 148 4.33 17.80 -13.57
C CYS A 148 2.90 17.26 -13.83
N ALA A 149 2.05 17.21 -12.77
CA ALA A 149 0.65 16.76 -12.83
C ALA A 149 -0.21 17.73 -13.67
N TYR A 150 0.03 19.04 -13.49
CA TYR A 150 -0.63 20.12 -14.24
C TYR A 150 -0.40 19.95 -15.76
N GLN A 151 0.86 19.69 -16.19
CA GLN A 151 1.23 19.50 -17.60
C GLN A 151 0.59 18.26 -18.22
N VAL A 152 0.51 17.16 -17.46
CA VAL A 152 -0.14 15.92 -17.93
C VAL A 152 -1.66 16.19 -18.09
N ALA A 153 -2.27 16.89 -17.09
CA ALA A 153 -3.70 17.25 -17.11
C ALA A 153 -4.02 18.12 -18.35
N ARG A 154 -3.09 19.05 -18.68
CA ARG A 154 -3.14 19.95 -19.84
C ARG A 154 -3.04 19.20 -21.17
N GLY A 155 -2.16 18.21 -21.24
CA GLY A 155 -2.03 17.35 -22.41
C GLY A 155 -3.33 16.58 -22.66
N MET A 156 -3.85 15.98 -21.60
CA MET A 156 -5.07 15.19 -21.62
C MET A 156 -6.29 16.03 -21.91
N GLU A 157 -6.33 17.29 -21.40
CA GLU A 157 -7.42 18.22 -21.62
C GLU A 157 -7.49 18.55 -23.11
N TYR A 158 -6.30 18.71 -23.75
CA TYR A 158 -6.22 18.99 -25.17
C TYR A 158 -6.75 17.80 -25.95
N LEU A 159 -6.28 16.59 -25.64
CA LEU A 159 -6.71 15.35 -26.33
C LEU A 159 -8.21 15.11 -26.20
N ALA A 160 -8.79 15.36 -25.00
CA ALA A 160 -10.22 15.25 -24.72
C ALA A 160 -11.04 16.22 -25.58
N SER A 161 -10.57 17.48 -25.72
CA SER A 161 -11.20 18.53 -26.55
C SER A 161 -11.18 18.12 -28.04
N LYS A 162 -10.23 17.24 -28.43
CA LYS A 162 -10.12 16.72 -29.79
C LYS A 162 -10.83 15.39 -29.92
N LYS A 163 -11.67 15.07 -28.92
CA LYS A 163 -12.53 13.90 -28.89
C LYS A 163 -11.74 12.57 -28.80
N CYS A 164 -10.47 12.63 -28.32
CA CYS A 164 -9.57 11.49 -28.21
C CYS A 164 -9.55 10.90 -26.80
N ILE A 165 -9.71 9.57 -26.71
CA ILE A 165 -9.68 8.80 -25.47
C ILE A 165 -8.39 8.00 -25.52
N HIS A 166 -7.51 8.19 -24.51
CA HIS A 166 -6.22 7.51 -24.44
C HIS A 166 -6.38 6.01 -24.22
N ARG A 167 -7.08 5.61 -23.13
CA ARG A 167 -7.37 4.22 -22.74
C ARG A 167 -6.20 3.57 -21.96
N ASP A 168 -4.96 4.11 -22.05
CA ASP A 168 -3.80 3.57 -21.34
C ASP A 168 -2.94 4.67 -20.72
N LEU A 169 -3.59 5.65 -20.07
CA LEU A 169 -2.86 6.72 -19.41
C LEU A 169 -2.18 6.20 -18.12
N ALA A 170 -0.85 6.44 -18.03
CA ALA A 170 0.08 6.04 -16.95
C ALA A 170 1.39 6.80 -17.16
N ALA A 171 2.19 6.93 -16.09
CA ALA A 171 3.51 7.61 -16.15
C ALA A 171 4.46 6.99 -17.20
N ARG A 172 4.37 5.67 -17.44
CA ARG A 172 5.16 4.99 -18.49
C ARG A 172 4.84 5.57 -19.90
N ASN A 173 3.62 6.13 -20.09
CA ASN A 173 3.16 6.72 -21.36
C ASN A 173 3.17 8.26 -21.34
N VAL A 174 3.90 8.84 -20.39
CA VAL A 174 4.18 10.26 -20.34
C VAL A 174 5.69 10.36 -20.61
N LEU A 175 6.10 11.06 -21.67
CA LEU A 175 7.51 11.21 -22.01
C LEU A 175 7.99 12.60 -21.58
N VAL A 176 9.28 12.73 -21.20
CA VAL A 176 9.87 13.98 -20.68
C VAL A 176 10.96 14.52 -21.65
N THR A 177 10.89 15.81 -22.04
CA THR A 177 11.88 16.44 -22.93
C THR A 177 13.10 16.97 -22.16
N GLU A 178 14.14 17.44 -22.90
CA GLU A 178 15.37 18.03 -22.33
C GLU A 178 15.04 19.24 -21.46
N ASP A 179 13.91 19.91 -21.77
CA ASP A 179 13.47 21.10 -21.03
C ASP A 179 12.47 20.77 -19.90
N ASN A 180 12.34 19.47 -19.55
CA ASN A 180 11.43 18.96 -18.49
C ASN A 180 9.93 19.24 -18.78
N VAL A 181 9.53 19.17 -20.06
CA VAL A 181 8.14 19.36 -20.50
C VAL A 181 7.52 17.96 -20.56
N MET A 182 6.38 17.79 -19.90
CA MET A 182 5.64 16.53 -19.93
C MET A 182 4.79 16.49 -21.19
N LYS A 183 4.89 15.38 -21.95
CA LYS A 183 4.16 15.11 -23.17
C LYS A 183 3.48 13.73 -23.10
N ILE A 184 2.17 13.71 -23.37
CA ILE A 184 1.37 12.47 -23.43
C ILE A 184 1.83 11.70 -24.67
N ALA A 185 2.05 10.39 -24.52
CA ALA A 185 2.47 9.57 -25.64
C ALA A 185 1.49 8.43 -25.82
N ASP A 186 1.55 7.78 -27.00
CA ASP A 186 0.80 6.59 -27.38
C ASP A 186 -0.73 6.74 -27.24
N PHE A 187 -1.23 7.95 -27.53
CA PHE A 187 -2.66 8.29 -27.50
C PHE A 187 -3.42 7.92 -28.79
N GLY A 188 -2.69 7.71 -29.89
CA GLY A 188 -3.30 7.42 -31.19
C GLY A 188 -3.46 5.95 -31.53
N LEU A 189 -3.33 5.09 -30.50
CA LEU A 189 -3.38 3.64 -30.63
C LEU A 189 -4.77 3.11 -31.01
N ALA A 190 -4.79 2.14 -31.95
CA ALA A 190 -6.00 1.47 -32.40
C ALA A 190 -6.08 0.15 -31.64
N ARG A 191 -7.16 -0.06 -30.86
CA ARG A 191 -7.32 -1.26 -30.03
C ARG A 191 -8.51 -2.11 -30.45
N HIS A 195 -9.37 -8.54 -27.01
CA HIS A 195 -7.97 -8.84 -27.30
C HIS A 195 -6.99 -8.36 -26.21
N ILE A 196 -7.49 -7.62 -25.19
CA ILE A 196 -6.68 -7.10 -24.09
C ILE A 196 -6.36 -8.22 -23.10
N ASP A 197 -5.06 -8.49 -22.88
CA ASP A 197 -4.60 -9.51 -21.94
C ASP A 197 -4.40 -8.86 -20.56
N TYR A 198 -5.28 -9.23 -19.63
CA TYR A 198 -5.30 -8.74 -18.25
C TYR A 198 -4.12 -9.24 -17.42
N TYR A 199 -3.63 -10.44 -17.75
CA TYR A 199 -2.53 -11.13 -17.06
C TYR A 199 -1.14 -10.76 -17.57
N LYS A 200 -1.07 -10.03 -18.71
CA LYS A 200 0.21 -9.60 -19.28
C LYS A 200 0.80 -8.42 -18.51
N LYS A 201 2.05 -8.58 -18.06
CA LYS A 201 2.81 -7.58 -17.31
C LYS A 201 3.65 -6.70 -18.25
N THR A 202 3.92 -5.46 -17.82
CA THR A 202 4.71 -4.49 -18.57
C THR A 202 6.21 -4.86 -18.53
N THR A 203 7.05 -4.03 -19.18
CA THR A 203 8.51 -4.18 -19.25
C THR A 203 9.16 -4.33 -17.86
N ASN A 204 8.60 -3.64 -16.84
CA ASN A 204 9.11 -3.66 -15.45
C ASN A 204 8.32 -4.60 -14.50
N GLY A 205 7.46 -5.44 -15.07
CA GLY A 205 6.66 -6.41 -14.32
C GLY A 205 5.45 -5.86 -13.58
N ARG A 206 4.75 -4.89 -14.19
CA ARG A 206 3.54 -4.29 -13.60
C ARG A 206 2.29 -4.59 -14.44
N LEU A 207 1.14 -4.77 -13.78
CA LEU A 207 -0.13 -5.07 -14.45
C LEU A 207 -0.92 -3.79 -14.88
N PRO A 208 -1.04 -3.52 -16.21
CA PRO A 208 -1.79 -2.33 -16.69
C PRO A 208 -3.23 -2.17 -16.21
N VAL A 209 -3.89 -3.27 -15.84
CA VAL A 209 -5.26 -3.29 -15.31
C VAL A 209 -5.40 -2.42 -14.05
N LYS A 210 -4.27 -2.15 -13.34
CA LYS A 210 -4.19 -1.32 -12.14
C LYS A 210 -4.42 0.18 -12.41
N TRP A 211 -4.49 0.58 -13.70
CA TRP A 211 -4.75 1.94 -14.13
C TRP A 211 -6.18 2.09 -14.71
N MET A 212 -6.88 0.95 -14.95
CA MET A 212 -8.20 0.92 -15.58
C MET A 212 -9.35 1.27 -14.66
N ALA A 213 -10.30 2.13 -15.12
CA ALA A 213 -11.52 2.41 -14.32
C ALA A 213 -12.32 1.10 -14.20
N PRO A 214 -13.09 0.87 -13.11
CA PRO A 214 -13.86 -0.38 -13.00
C PRO A 214 -14.82 -0.62 -14.17
N GLU A 215 -15.50 0.42 -14.68
CA GLU A 215 -16.43 0.28 -15.82
C GLU A 215 -15.69 -0.06 -17.13
N ALA A 216 -14.45 0.39 -17.28
CA ALA A 216 -13.65 0.07 -18.46
C ALA A 216 -13.15 -1.37 -18.32
N LEU A 217 -12.79 -1.77 -17.09
CA LEU A 217 -12.26 -3.09 -16.77
C LEU A 217 -13.31 -4.21 -16.86
N PHE A 218 -14.48 -4.01 -16.25
CA PHE A 218 -15.52 -5.03 -16.24
C PHE A 218 -16.49 -4.96 -17.41
N ASP A 219 -16.88 -3.76 -17.85
CA ASP A 219 -17.86 -3.58 -18.91
C ASP A 219 -17.28 -3.10 -20.25
N ARG A 220 -15.94 -2.92 -20.31
CA ARG A 220 -15.21 -2.43 -21.49
C ARG A 220 -15.77 -1.10 -22.01
N ILE A 221 -16.17 -0.21 -21.07
CA ILE A 221 -16.70 1.11 -21.40
C ILE A 221 -15.61 2.17 -21.13
N TYR A 222 -14.93 2.58 -22.23
CA TYR A 222 -13.84 3.55 -22.29
C TYR A 222 -14.36 4.93 -22.67
N THR A 223 -14.14 5.91 -21.79
CA THR A 223 -14.59 7.29 -21.97
C THR A 223 -13.49 8.25 -21.49
N HIS A 224 -13.77 9.56 -21.56
CA HIS A 224 -12.92 10.60 -21.02
C HIS A 224 -12.89 10.45 -19.47
N GLN A 225 -14.02 9.99 -18.88
CA GLN A 225 -14.19 9.75 -17.43
C GLN A 225 -13.34 8.60 -16.94
N SER A 226 -13.18 7.53 -17.75
CA SER A 226 -12.32 6.39 -17.42
C SER A 226 -10.82 6.81 -17.52
N ASP A 227 -10.50 7.77 -18.42
CA ASP A 227 -9.16 8.33 -18.53
C ASP A 227 -8.82 9.17 -17.30
N VAL A 228 -9.84 9.86 -16.70
CA VAL A 228 -9.70 10.68 -15.50
C VAL A 228 -9.35 9.78 -14.32
N TRP A 229 -9.94 8.57 -14.27
CA TRP A 229 -9.64 7.57 -13.26
C TRP A 229 -8.15 7.22 -13.40
N SER A 230 -7.68 6.95 -14.63
CA SER A 230 -6.27 6.60 -14.91
C SER A 230 -5.33 7.73 -14.45
N PHE A 231 -5.77 8.99 -14.59
CA PHE A 231 -5.02 10.17 -14.17
C PHE A 231 -4.85 10.23 -12.62
N GLY A 232 -5.83 9.70 -11.88
CA GLY A 232 -5.77 9.60 -10.43
C GLY A 232 -4.66 8.66 -9.99
N VAL A 233 -4.52 7.53 -10.70
CA VAL A 233 -3.45 6.53 -10.47
C VAL A 233 -2.09 7.19 -10.83
N LEU A 234 -2.06 7.98 -11.93
CA LEU A 234 -0.88 8.73 -12.40
C LEU A 234 -0.48 9.78 -11.33
N LEU A 235 -1.47 10.46 -10.71
CA LEU A 235 -1.24 11.43 -9.62
C LEU A 235 -0.52 10.70 -8.47
N TRP A 236 -1.04 9.51 -8.09
CA TRP A 236 -0.46 8.64 -7.05
C TRP A 236 0.99 8.25 -7.41
N GLU A 237 1.25 7.94 -8.69
CA GLU A 237 2.60 7.62 -9.21
C GLU A 237 3.58 8.78 -9.02
N ILE A 238 3.14 10.01 -9.33
CA ILE A 238 3.91 11.25 -9.20
C ILE A 238 4.35 11.46 -7.75
N PHE A 239 3.40 11.41 -6.80
CA PHE A 239 3.67 11.72 -5.40
C PHE A 239 4.38 10.58 -4.61
N THR A 240 4.59 9.40 -5.23
CA THR A 240 5.32 8.25 -4.65
C THR A 240 6.65 8.10 -5.41
N LEU A 241 6.91 9.04 -6.33
CA LEU A 241 8.08 9.11 -7.21
C LEU A 241 8.30 7.83 -7.99
N GLY A 242 7.27 7.44 -8.74
CA GLY A 242 7.35 6.24 -9.57
C GLY A 242 7.02 4.96 -8.83
N GLY A 243 6.23 5.08 -7.78
CA GLY A 243 5.78 3.93 -7.00
C GLY A 243 4.83 3.04 -7.78
N SER A 244 4.86 1.76 -7.48
CA SER A 244 4.03 0.75 -8.13
C SER A 244 2.65 0.65 -7.43
N PRO A 245 1.52 0.89 -8.15
CA PRO A 245 0.20 0.77 -7.48
C PRO A 245 -0.14 -0.69 -7.15
N TYR A 246 -0.74 -0.94 -5.98
CA TYR A 246 -1.15 -2.27 -5.46
C TYR A 246 0.04 -3.27 -5.52
N PRO A 247 1.20 -2.98 -4.89
CA PRO A 247 2.34 -3.93 -5.01
C PRO A 247 1.98 -5.34 -4.47
N GLY A 248 2.27 -6.36 -5.26
CA GLY A 248 2.04 -7.77 -4.94
C GLY A 248 0.60 -8.22 -5.06
N VAL A 249 -0.27 -7.40 -5.65
CA VAL A 249 -1.67 -7.74 -5.82
C VAL A 249 -1.89 -8.42 -7.19
N PRO A 250 -2.33 -9.70 -7.26
CA PRO A 250 -2.61 -10.31 -8.56
C PRO A 250 -3.95 -9.81 -9.11
N VAL A 251 -4.22 -10.10 -10.41
CA VAL A 251 -5.41 -9.70 -11.18
C VAL A 251 -6.74 -10.04 -10.46
N GLU A 252 -6.89 -11.32 -10.04
CA GLU A 252 -8.09 -11.82 -9.36
C GLU A 252 -8.36 -11.05 -8.06
N GLU A 253 -7.29 -10.77 -7.27
CA GLU A 253 -7.42 -10.01 -6.03
C GLU A 253 -7.68 -8.51 -6.29
N LEU A 254 -7.16 -7.94 -7.41
CA LEU A 254 -7.44 -6.54 -7.74
C LEU A 254 -8.93 -6.36 -8.02
N PHE A 255 -9.50 -7.31 -8.78
CA PHE A 255 -10.92 -7.37 -9.15
C PHE A 255 -11.79 -7.33 -7.88
N LYS A 256 -11.39 -8.10 -6.84
CA LYS A 256 -12.07 -8.14 -5.54
C LYS A 256 -11.95 -6.78 -4.82
N LEU A 257 -10.73 -6.17 -4.80
CA LEU A 257 -10.54 -4.86 -4.17
C LEU A 257 -11.47 -3.79 -4.78
N LEU A 258 -11.51 -3.71 -6.13
CA LEU A 258 -12.38 -2.76 -6.86
C LEU A 258 -13.89 -2.98 -6.58
N LYS A 259 -14.38 -4.23 -6.67
CA LYS A 259 -15.79 -4.57 -6.38
C LYS A 259 -16.22 -4.11 -4.97
N GLU A 260 -15.28 -4.20 -3.98
CA GLU A 260 -15.48 -3.80 -2.58
C GLU A 260 -15.39 -2.29 -2.36
N GLY A 261 -14.95 -1.55 -3.37
CA GLY A 261 -14.76 -0.10 -3.28
C GLY A 261 -13.47 0.28 -2.59
N HIS A 262 -12.44 -0.59 -2.66
CA HIS A 262 -11.13 -0.31 -2.06
C HIS A 262 -10.42 0.78 -2.86
N ARG A 263 -9.69 1.65 -2.16
CA ARG A 263 -8.94 2.77 -2.74
C ARG A 263 -7.53 2.82 -2.13
N MET A 264 -6.52 3.15 -2.95
CA MET A 264 -5.13 3.30 -2.52
C MET A 264 -4.98 4.31 -1.41
N ASP A 265 -3.97 4.12 -0.56
CA ASP A 265 -3.71 5.00 0.57
C ASP A 265 -3.04 6.27 0.11
N LYS A 266 -3.11 7.33 0.94
CA LYS A 266 -2.46 8.60 0.65
C LYS A 266 -0.96 8.42 0.66
N PRO A 267 -0.24 8.83 -0.42
CA PRO A 267 1.23 8.74 -0.38
C PRO A 267 1.81 9.62 0.73
N SER A 268 3.01 9.26 1.18
CA SER A 268 3.78 10.06 2.13
C SER A 268 4.29 11.22 1.25
N ASN A 269 4.19 12.47 1.75
CA ASN A 269 4.59 13.67 1.01
C ASN A 269 3.51 13.94 -0.07
N CYS A 270 2.29 14.16 0.43
CA CYS A 270 1.10 14.44 -0.35
C CYS A 270 0.11 15.16 0.55
N THR A 271 -0.37 16.34 0.10
CA THR A 271 -1.34 17.13 0.87
C THR A 271 -2.72 16.46 0.84
N ASN A 272 -3.58 16.80 1.80
CA ASN A 272 -4.95 16.28 1.90
C ASN A 272 -5.76 16.67 0.67
N GLU A 273 -5.55 17.90 0.17
CA GLU A 273 -6.19 18.47 -1.04
C GLU A 273 -5.86 17.61 -2.28
N LEU A 274 -4.57 17.30 -2.50
CA LEU A 274 -4.12 16.47 -3.63
C LEU A 274 -4.59 15.01 -3.51
N TYR A 275 -4.74 14.49 -2.27
CA TYR A 275 -5.27 13.14 -2.06
C TYR A 275 -6.79 13.16 -2.28
N MET A 276 -7.48 14.25 -1.91
CA MET A 276 -8.91 14.41 -2.17
C MET A 276 -9.10 14.38 -3.72
N MET A 277 -8.21 15.06 -4.48
CA MET A 277 -8.21 15.09 -5.95
C MET A 277 -8.10 13.69 -6.53
N MET A 278 -7.17 12.87 -6.00
CA MET A 278 -6.97 11.47 -6.39
C MET A 278 -8.27 10.69 -6.17
N ARG A 279 -8.84 10.84 -4.97
CA ARG A 279 -10.07 10.18 -4.56
C ARG A 279 -11.28 10.57 -5.46
N ASP A 280 -11.35 11.85 -5.85
CA ASP A 280 -12.40 12.35 -6.77
C ASP A 280 -12.28 11.72 -8.14
N CYS A 281 -11.03 11.53 -8.62
CA CYS A 281 -10.70 10.88 -9.89
C CYS A 281 -11.15 9.42 -9.85
N TRP A 282 -11.19 8.86 -8.64
CA TRP A 282 -11.60 7.48 -8.42
C TRP A 282 -13.04 7.32 -7.96
N HIS A 283 -13.93 8.28 -8.29
CA HIS A 283 -15.34 8.16 -7.95
C HIS A 283 -15.90 6.92 -8.64
N ALA A 284 -16.68 6.12 -7.89
CA ALA A 284 -17.35 4.91 -8.40
C ALA A 284 -18.26 5.32 -9.56
N VAL A 285 -18.91 6.50 -9.45
CA VAL A 285 -19.82 6.98 -10.51
C VAL A 285 -19.06 7.88 -11.51
N PRO A 286 -18.90 7.41 -12.79
CA PRO A 286 -18.13 8.19 -13.79
C PRO A 286 -18.56 9.65 -13.97
N SER A 287 -19.88 9.95 -13.93
CA SER A 287 -20.44 11.31 -14.04
C SER A 287 -19.99 12.25 -12.90
N GLN A 288 -19.61 11.69 -11.76
CA GLN A 288 -19.24 12.44 -10.56
C GLN A 288 -17.73 12.76 -10.45
N ARG A 289 -16.92 12.19 -11.33
CA ARG A 289 -15.48 12.46 -11.37
C ARG A 289 -15.25 13.85 -11.96
N PRO A 290 -14.16 14.57 -11.60
CA PRO A 290 -13.89 15.86 -12.27
C PRO A 290 -13.50 15.63 -13.73
N THR A 291 -13.61 16.67 -14.56
CA THR A 291 -13.18 16.58 -15.97
C THR A 291 -11.70 17.02 -15.99
N PHE A 292 -11.00 16.81 -17.13
CA PHE A 292 -9.60 17.29 -17.27
C PHE A 292 -9.56 18.83 -17.24
N LYS A 293 -10.65 19.49 -17.70
CA LYS A 293 -10.81 20.95 -17.69
C LYS A 293 -10.77 21.46 -16.24
N GLN A 294 -11.52 20.80 -15.33
CA GLN A 294 -11.58 21.11 -13.90
C GLN A 294 -10.23 20.78 -13.21
N LEU A 295 -9.61 19.62 -13.53
CA LEU A 295 -8.29 19.20 -13.02
C LEU A 295 -7.17 20.20 -13.39
N VAL A 296 -7.24 20.82 -14.58
CA VAL A 296 -6.29 21.83 -15.05
C VAL A 296 -6.40 23.11 -14.20
N GLU A 297 -7.62 23.59 -13.97
CA GLU A 297 -7.89 24.80 -13.18
C GLU A 297 -7.48 24.62 -11.70
N ASP A 298 -7.75 23.45 -11.14
CA ASP A 298 -7.43 23.15 -9.75
C ASP A 298 -5.94 23.02 -9.58
N LEU A 299 -5.27 22.34 -10.53
CA LEU A 299 -3.83 22.18 -10.47
C LEU A 299 -3.10 23.50 -10.75
N ASP A 300 -3.69 24.40 -11.58
CA ASP A 300 -3.13 25.74 -11.87
C ASP A 300 -3.05 26.57 -10.57
N ARG A 301 -4.10 26.49 -9.73
CA ARG A 301 -4.24 27.17 -8.43
C ARG A 301 -3.28 26.57 -7.37
N ILE A 302 -3.15 25.23 -7.33
CA ILE A 302 -2.29 24.51 -6.40
C ILE A 302 -0.82 24.80 -6.70
N VAL A 303 -0.44 24.84 -8.00
CA VAL A 303 0.94 25.15 -8.41
C VAL A 303 1.36 26.50 -7.80
N ALA A 304 0.53 27.55 -7.98
CA ALA A 304 0.77 28.90 -7.45
C ALA A 304 0.88 28.98 -5.92
N LEU A 305 0.20 28.09 -5.18
CA LEU A 305 0.21 28.04 -3.71
C LEU A 305 1.23 27.05 -3.11
N THR A 306 2.00 26.35 -3.96
CA THR A 306 2.99 25.36 -3.53
C THR A 306 4.38 25.99 -3.56
N SER A 307 5.16 25.80 -2.47
CA SER A 307 6.52 26.32 -2.37
C SER A 307 7.55 25.40 -3.04
N ASN A 308 8.57 25.99 -3.67
CA ASN A 308 9.68 25.28 -4.32
C ASN A 308 10.93 25.20 -3.40
N GLU B 7 -7.98 -37.74 32.89
CA GLU B 7 -7.82 -36.87 34.07
C GLU B 7 -9.09 -36.87 34.91
N TYR B 8 -8.92 -37.15 36.20
CA TYR B 8 -9.98 -37.21 37.20
C TYR B 8 -9.88 -36.02 38.16
N GLU B 9 -8.66 -35.46 38.31
CA GLU B 9 -8.42 -34.28 39.14
C GLU B 9 -7.14 -33.53 38.75
N LEU B 10 -7.16 -32.20 38.97
CA LEU B 10 -6.02 -31.32 38.70
C LEU B 10 -5.25 -31.11 40.01
N PRO B 11 -3.93 -30.80 39.96
CA PRO B 11 -3.20 -30.52 41.21
C PRO B 11 -3.72 -29.24 41.83
N GLU B 12 -3.69 -29.14 43.16
CA GLU B 12 -4.12 -27.95 43.88
C GLU B 12 -3.01 -26.90 43.90
N ASP B 13 -3.41 -25.63 43.98
CA ASP B 13 -2.51 -24.50 44.16
C ASP B 13 -3.29 -23.44 44.96
N PRO B 14 -3.21 -23.53 46.32
CA PRO B 14 -4.01 -22.65 47.18
C PRO B 14 -3.81 -21.14 47.03
N ARG B 15 -2.61 -20.71 46.66
CA ARG B 15 -2.29 -19.29 46.45
C ARG B 15 -3.04 -18.65 45.26
N TRP B 16 -3.68 -19.46 44.39
CA TRP B 16 -4.44 -18.97 43.24
C TRP B 16 -5.92 -19.43 43.22
N GLU B 17 -6.27 -20.49 43.99
CA GLU B 17 -7.61 -21.07 44.02
C GLU B 17 -8.70 -20.14 44.56
N LEU B 18 -9.81 -20.02 43.80
CA LEU B 18 -10.98 -19.24 44.15
C LEU B 18 -12.20 -20.16 44.22
N PRO B 19 -13.01 -20.11 45.32
CA PRO B 19 -14.23 -20.94 45.36
C PRO B 19 -15.21 -20.60 44.24
N ARG B 20 -15.87 -21.63 43.68
CA ARG B 20 -16.82 -21.51 42.57
C ARG B 20 -18.04 -20.67 42.89
N ASP B 21 -18.41 -20.60 44.18
CA ASP B 21 -19.53 -19.81 44.70
C ASP B 21 -19.22 -18.30 44.64
N ARG B 22 -17.92 -17.92 44.66
CA ARG B 22 -17.43 -16.54 44.59
C ARG B 22 -17.29 -16.03 43.15
N LEU B 23 -17.72 -16.84 42.17
CA LEU B 23 -17.67 -16.51 40.74
C LEU B 23 -18.98 -16.85 40.06
N VAL B 24 -19.52 -15.88 39.29
CA VAL B 24 -20.77 -16.00 38.53
C VAL B 24 -20.49 -15.71 37.06
N LEU B 25 -20.54 -16.76 36.20
CA LEU B 25 -20.28 -16.67 34.77
C LEU B 25 -21.41 -15.92 34.07
N GLY B 26 -21.03 -15.03 33.16
CA GLY B 26 -21.96 -14.21 32.39
C GLY B 26 -21.80 -14.37 30.90
N LYS B 27 -21.93 -13.26 30.18
CA LYS B 27 -21.89 -13.17 28.73
C LYS B 27 -20.57 -13.60 28.09
N PRO B 28 -20.64 -14.37 26.97
CA PRO B 28 -19.40 -14.74 26.26
C PRO B 28 -18.67 -13.52 25.71
N LEU B 29 -17.34 -13.57 25.71
CA LEU B 29 -16.49 -12.51 25.18
C LEU B 29 -15.84 -12.94 23.87
N GLY B 30 -15.83 -14.25 23.62
CA GLY B 30 -15.30 -14.85 22.41
C GLY B 30 -14.86 -16.30 22.57
N GLU B 31 -14.42 -16.92 21.43
CA GLU B 31 -13.94 -18.31 21.35
C GLU B 31 -13.05 -18.55 20.13
N GLY B 35 -10.67 -23.17 23.00
CA GLY B 35 -11.41 -22.74 24.18
C GLY B 35 -12.37 -21.60 23.94
N GLN B 36 -12.81 -20.96 25.02
CA GLN B 36 -13.74 -19.83 25.03
C GLN B 36 -13.45 -18.92 26.23
N VAL B 37 -13.84 -17.64 26.13
CA VAL B 37 -13.65 -16.65 27.20
C VAL B 37 -15.02 -16.02 27.53
N VAL B 38 -15.36 -15.95 28.83
CA VAL B 38 -16.64 -15.36 29.24
C VAL B 38 -16.43 -14.23 30.25
N LEU B 39 -17.38 -13.28 30.31
CA LEU B 39 -17.35 -12.21 31.30
C LEU B 39 -17.87 -12.85 32.59
N ALA B 40 -17.34 -12.43 33.75
CA ALA B 40 -17.77 -12.97 35.04
C ALA B 40 -17.68 -11.94 36.16
N GLU B 41 -18.30 -12.26 37.32
CA GLU B 41 -18.28 -11.44 38.53
C GLU B 41 -17.50 -12.20 39.59
N ALA B 42 -16.37 -11.64 40.01
CA ALA B 42 -15.52 -12.25 41.02
C ALA B 42 -15.65 -11.52 42.37
N ILE B 43 -16.21 -12.22 43.37
CA ILE B 43 -16.45 -11.73 44.72
C ILE B 43 -15.22 -11.95 45.61
N GLY B 44 -14.56 -10.84 45.95
CA GLY B 44 -13.39 -10.79 46.80
C GLY B 44 -12.20 -11.61 46.33
N LEU B 45 -11.43 -11.03 45.38
CA LEU B 45 -10.21 -11.64 44.82
C LEU B 45 -9.02 -11.41 45.76
N ASP B 46 -8.98 -10.21 46.41
CA ASP B 46 -7.96 -9.75 47.36
C ASP B 46 -6.55 -9.76 46.79
N LYS B 49 -7.68 -7.02 52.18
CA LYS B 49 -8.41 -8.15 51.60
C LYS B 49 -9.94 -7.97 51.72
N PRO B 50 -10.57 -7.10 50.88
CA PRO B 50 -12.03 -6.91 50.99
C PRO B 50 -12.86 -7.89 50.17
N ASN B 51 -14.21 -7.88 50.34
CA ASN B 51 -15.12 -8.77 49.63
C ASN B 51 -16.12 -8.02 48.73
N ARG B 52 -15.58 -7.34 47.69
CA ARG B 52 -16.34 -6.59 46.70
C ARG B 52 -16.35 -7.30 45.33
N VAL B 53 -17.36 -7.00 44.48
CA VAL B 53 -17.50 -7.59 43.14
C VAL B 53 -16.48 -7.01 42.16
N THR B 54 -15.88 -7.88 41.31
CA THR B 54 -14.88 -7.48 40.32
C THR B 54 -15.25 -8.08 38.96
N LYS B 55 -15.26 -7.25 37.91
CA LYS B 55 -15.51 -7.71 36.55
C LYS B 55 -14.21 -8.36 36.06
N VAL B 56 -14.30 -9.63 35.64
CA VAL B 56 -13.15 -10.44 35.22
C VAL B 56 -13.44 -11.16 33.90
N ALA B 57 -12.38 -11.71 33.26
CA ALA B 57 -12.49 -12.52 32.04
C ALA B 57 -12.11 -13.95 32.42
N VAL B 58 -12.92 -14.92 32.02
CA VAL B 58 -12.71 -16.32 32.39
C VAL B 58 -12.50 -17.17 31.16
N LYS B 59 -11.33 -17.80 31.07
CA LYS B 59 -11.03 -18.71 29.98
C LYS B 59 -11.28 -20.13 30.46
N MET B 60 -12.02 -20.89 29.66
CA MET B 60 -12.35 -22.28 29.96
C MET B 60 -12.37 -23.08 28.66
N LEU B 61 -12.35 -24.40 28.78
CA LEU B 61 -12.44 -25.32 27.65
C LEU B 61 -13.87 -25.34 27.13
N LYS B 62 -14.03 -25.61 25.84
CA LYS B 62 -15.37 -25.81 25.25
C LYS B 62 -15.72 -27.29 25.54
N SER B 63 -17.02 -27.65 25.51
CA SER B 63 -17.52 -29.01 25.77
C SER B 63 -16.95 -30.10 24.85
N ASP B 64 -16.42 -29.73 23.66
CA ASP B 64 -15.83 -30.64 22.70
C ASP B 64 -14.31 -30.78 22.86
N ALA B 65 -13.74 -30.24 23.95
CA ALA B 65 -12.28 -30.26 24.19
C ALA B 65 -11.72 -31.63 24.51
N THR B 66 -10.44 -31.83 24.23
CA THR B 66 -9.71 -33.09 24.47
C THR B 66 -8.72 -32.93 25.63
N GLU B 67 -8.08 -34.05 25.99
CA GLU B 67 -7.04 -34.21 26.98
C GLU B 67 -5.84 -33.24 26.69
N LYS B 68 -5.55 -32.99 25.40
CA LYS B 68 -4.47 -32.08 24.96
C LYS B 68 -4.90 -30.62 25.14
N ASP B 69 -6.20 -30.32 24.94
CA ASP B 69 -6.72 -28.96 25.12
C ASP B 69 -6.63 -28.56 26.59
N LEU B 70 -6.92 -29.52 27.50
CA LEU B 70 -6.82 -29.28 28.94
C LEU B 70 -5.34 -29.03 29.33
N SER B 71 -4.42 -29.91 28.84
CA SER B 71 -2.98 -29.77 29.11
C SER B 71 -2.45 -28.39 28.61
N ASP B 72 -2.93 -27.92 27.45
CA ASP B 72 -2.62 -26.61 26.84
C ASP B 72 -3.12 -25.45 27.70
N LEU B 73 -4.34 -25.57 28.28
CA LEU B 73 -4.91 -24.55 29.17
C LEU B 73 -4.19 -24.51 30.53
N ILE B 74 -3.80 -25.67 31.07
CA ILE B 74 -3.04 -25.78 32.35
C ILE B 74 -1.66 -25.13 32.17
N SER B 75 -1.03 -25.40 31.04
CA SER B 75 0.28 -24.84 30.67
C SER B 75 0.21 -23.31 30.50
N GLU B 76 -0.91 -22.80 29.96
CA GLU B 76 -1.18 -21.36 29.81
C GLU B 76 -1.27 -20.72 31.19
N MET B 77 -2.07 -21.32 32.10
CA MET B 77 -2.25 -20.86 33.49
C MET B 77 -0.90 -20.89 34.25
N GLU B 78 -0.11 -21.95 34.06
CA GLU B 78 1.19 -22.09 34.74
C GLU B 78 2.20 -21.04 34.27
N MET B 79 2.26 -20.76 32.95
CA MET B 79 3.18 -19.74 32.47
C MET B 79 2.75 -18.34 32.94
N MET B 80 1.43 -18.09 33.11
CA MET B 80 0.95 -16.80 33.62
C MET B 80 1.43 -16.57 35.07
N LYS B 81 1.44 -17.66 35.88
CA LYS B 81 1.92 -17.65 37.27
C LYS B 81 3.41 -17.24 37.35
N MET B 82 4.23 -17.78 36.43
CA MET B 82 5.68 -17.57 36.30
C MET B 82 6.10 -16.19 35.83
N ILE B 83 5.38 -15.63 34.84
CA ILE B 83 5.66 -14.33 34.21
C ILE B 83 5.46 -13.17 35.19
N GLY B 84 4.51 -13.29 36.10
CA GLY B 84 4.24 -12.25 37.08
C GLY B 84 3.41 -11.12 36.53
N LYS B 85 3.21 -10.08 37.36
CA LYS B 85 2.37 -8.93 37.02
C LYS B 85 3.09 -7.75 36.37
N HIS B 86 2.38 -7.11 35.44
CA HIS B 86 2.78 -5.89 34.76
C HIS B 86 1.53 -5.12 34.34
N LYS B 87 1.58 -3.78 34.45
CA LYS B 87 0.48 -2.88 34.09
C LYS B 87 0.02 -3.06 32.63
N ASN B 88 0.97 -3.35 31.71
CA ASN B 88 0.71 -3.45 30.28
C ASN B 88 0.60 -4.88 29.72
N ILE B 89 0.20 -5.85 30.57
CA ILE B 89 -0.08 -7.23 30.13
C ILE B 89 -1.39 -7.65 30.75
N ILE B 90 -2.08 -8.67 30.18
CA ILE B 90 -3.29 -9.23 30.80
C ILE B 90 -2.76 -10.11 31.94
N ASN B 91 -3.16 -9.81 33.19
CA ASN B 91 -2.65 -10.54 34.36
C ASN B 91 -3.55 -11.65 34.84
N LEU B 92 -2.96 -12.67 35.45
CA LEU B 92 -3.70 -13.76 36.06
C LEU B 92 -4.24 -13.26 37.40
N LEU B 93 -5.52 -13.51 37.66
CA LEU B 93 -6.18 -13.08 38.89
C LEU B 93 -6.55 -14.23 39.81
N GLY B 94 -6.66 -15.43 39.25
CA GLY B 94 -7.00 -16.61 40.01
C GLY B 94 -7.42 -17.77 39.14
N ALA B 95 -7.97 -18.83 39.77
CA ALA B 95 -8.42 -20.03 39.06
C ALA B 95 -9.30 -20.97 39.89
N CYS B 96 -10.18 -21.72 39.20
CA CYS B 96 -10.99 -22.78 39.80
C CYS B 96 -10.48 -24.04 39.11
N THR B 97 -9.72 -24.89 39.83
CA THR B 97 -9.10 -26.09 39.27
C THR B 97 -9.74 -27.40 39.80
N GLN B 98 -10.36 -27.32 40.99
CA GLN B 98 -10.92 -28.45 41.73
C GLN B 98 -12.40 -28.62 41.53
N ASP B 99 -12.87 -29.88 41.61
CA ASP B 99 -14.30 -30.25 41.56
C ASP B 99 -15.09 -29.56 40.47
N GLY B 100 -14.65 -29.74 39.23
CA GLY B 100 -15.33 -29.16 38.09
C GLY B 100 -14.42 -28.61 37.02
N PRO B 101 -15.00 -27.96 35.99
CA PRO B 101 -14.17 -27.44 34.88
C PRO B 101 -13.14 -26.39 35.29
N LEU B 102 -11.99 -26.41 34.62
CA LEU B 102 -10.91 -25.45 34.82
C LEU B 102 -11.33 -24.07 34.32
N TYR B 103 -11.27 -23.08 35.24
CA TYR B 103 -11.55 -21.66 35.01
C TYR B 103 -10.23 -20.94 35.26
N VAL B 104 -9.72 -20.21 34.25
CA VAL B 104 -8.47 -19.44 34.32
C VAL B 104 -8.96 -18.01 34.38
N ILE B 105 -8.89 -17.39 35.58
CA ILE B 105 -9.44 -16.05 35.80
C ILE B 105 -8.40 -14.99 35.53
N VAL B 106 -8.70 -14.12 34.58
CA VAL B 106 -7.78 -13.06 34.17
C VAL B 106 -8.45 -11.68 34.19
N GLU B 107 -7.67 -10.62 33.95
CA GLU B 107 -8.15 -9.23 33.90
C GLU B 107 -9.06 -8.99 32.70
N TYR B 108 -10.14 -8.23 32.92
CA TYR B 108 -11.08 -7.87 31.87
C TYR B 108 -10.77 -6.47 31.32
N ALA B 109 -10.77 -6.34 29.99
CA ALA B 109 -10.53 -5.11 29.26
C ALA B 109 -11.84 -4.75 28.54
N SER B 110 -12.64 -3.88 29.19
CA SER B 110 -13.97 -3.43 28.73
C SER B 110 -14.03 -2.82 27.34
N LYS B 111 -12.97 -2.12 26.90
CA LYS B 111 -12.97 -1.45 25.60
C LYS B 111 -12.47 -2.33 24.42
N GLY B 112 -12.38 -3.66 24.64
CA GLY B 112 -12.00 -4.66 23.65
C GLY B 112 -10.60 -4.55 23.08
N ASN B 113 -10.38 -5.17 21.90
CA ASN B 113 -9.06 -5.19 21.23
C ASN B 113 -8.73 -3.84 20.57
N LEU B 114 -7.42 -3.58 20.41
CA LEU B 114 -6.85 -2.35 19.87
C LEU B 114 -7.22 -2.04 18.40
N ARG B 115 -7.40 -3.07 17.57
CA ARG B 115 -7.75 -2.87 16.15
C ARG B 115 -9.12 -2.21 16.04
N GLU B 116 -10.15 -2.78 16.71
CA GLU B 116 -11.54 -2.30 16.74
C GLU B 116 -11.63 -0.93 17.43
N TYR B 117 -10.85 -0.74 18.53
CA TYR B 117 -10.75 0.49 19.33
C TYR B 117 -10.34 1.68 18.47
N LEU B 118 -9.25 1.55 17.68
CA LEU B 118 -8.74 2.59 16.79
C LEU B 118 -9.68 2.86 15.61
N GLN B 119 -10.31 1.81 15.06
CA GLN B 119 -11.26 1.89 13.95
C GLN B 119 -12.50 2.70 14.35
N ALA B 120 -13.01 2.49 15.56
CA ALA B 120 -14.17 3.16 16.14
C ALA B 120 -13.88 4.63 16.45
N ARG B 121 -12.58 4.97 16.60
CA ARG B 121 -12.08 6.29 16.93
C ARG B 121 -11.47 7.01 15.73
N ARG B 122 -11.82 6.56 14.51
CA ARG B 122 -11.37 7.17 13.26
C ARG B 122 -12.15 8.48 13.01
N PRO B 123 -11.47 9.60 12.65
CA PRO B 123 -12.21 10.87 12.42
C PRO B 123 -13.01 10.94 11.13
N GLU B 137 -16.96 6.51 19.19
CA GLU B 137 -16.79 7.91 18.77
C GLU B 137 -16.05 8.74 19.83
N GLU B 138 -14.72 8.90 19.64
CA GLU B 138 -13.80 9.67 20.48
C GLU B 138 -12.63 10.09 19.60
N GLN B 139 -12.16 11.33 19.73
CA GLN B 139 -11.02 11.77 18.91
C GLN B 139 -9.71 11.42 19.60
N LEU B 140 -8.83 10.71 18.88
CA LEU B 140 -7.55 10.29 19.43
C LEU B 140 -6.41 11.21 19.00
N SER B 141 -5.70 11.78 19.99
CA SER B 141 -4.58 12.70 19.83
C SER B 141 -3.36 12.03 19.22
N SER B 142 -2.45 12.84 18.65
CA SER B 142 -1.18 12.39 18.08
C SER B 142 -0.27 11.91 19.22
N LYS B 143 -0.47 12.45 20.45
CA LYS B 143 0.24 12.10 21.68
C LYS B 143 -0.28 10.72 22.15
N ASP B 144 -1.63 10.58 22.19
CA ASP B 144 -2.37 9.38 22.57
C ASP B 144 -1.96 8.14 21.77
N LEU B 145 -1.55 8.32 20.50
CA LEU B 145 -1.14 7.24 19.59
C LEU B 145 0.27 6.76 19.87
N VAL B 146 1.19 7.70 20.22
CA VAL B 146 2.58 7.38 20.57
C VAL B 146 2.58 6.74 21.98
N SER B 147 1.66 7.19 22.85
CA SER B 147 1.46 6.71 24.23
C SER B 147 0.92 5.28 24.17
N CYS B 148 0.04 5.01 23.20
CA CYS B 148 -0.52 3.70 22.94
C CYS B 148 0.62 2.75 22.57
N ALA B 149 1.49 3.19 21.63
CA ALA B 149 2.66 2.46 21.16
C ALA B 149 3.67 2.23 22.28
N TYR B 150 3.85 3.23 23.18
CA TYR B 150 4.78 3.17 24.32
C TYR B 150 4.33 2.07 25.28
N GLN B 151 3.04 2.09 25.66
CA GLN B 151 2.42 1.09 26.54
C GLN B 151 2.60 -0.34 25.98
N VAL B 152 2.38 -0.55 24.65
CA VAL B 152 2.54 -1.84 23.97
C VAL B 152 4.02 -2.32 24.05
N ALA B 153 4.97 -1.44 23.73
CA ALA B 153 6.40 -1.77 23.78
C ALA B 153 6.87 -2.09 25.21
N ARG B 154 6.28 -1.43 26.23
CA ARG B 154 6.59 -1.66 27.66
C ARG B 154 6.14 -3.04 28.14
N GLY B 155 4.96 -3.47 27.68
CA GLY B 155 4.40 -4.77 28.00
C GLY B 155 5.27 -5.85 27.40
N MET B 156 5.74 -5.61 26.15
CA MET B 156 6.64 -6.50 25.42
C MET B 156 8.03 -6.52 26.02
N GLU B 157 8.52 -5.37 26.54
CA GLU B 157 9.83 -5.25 27.19
C GLU B 157 9.80 -6.13 28.46
N TYR B 158 8.68 -6.05 29.24
CA TYR B 158 8.47 -6.90 30.41
C TYR B 158 8.43 -8.39 30.01
N LEU B 159 7.58 -8.77 29.03
CA LEU B 159 7.46 -10.15 28.56
C LEU B 159 8.80 -10.73 28.09
N ALA B 160 9.59 -9.95 27.30
CA ALA B 160 10.89 -10.38 26.82
C ALA B 160 11.88 -10.59 27.97
N SER B 161 11.78 -9.77 29.05
CA SER B 161 12.63 -9.90 30.23
C SER B 161 12.26 -11.15 31.03
N LYS B 162 11.06 -11.70 30.78
CA LYS B 162 10.54 -12.90 31.44
C LYS B 162 10.64 -14.14 30.54
N LYS B 163 11.47 -14.03 29.48
CA LYS B 163 11.80 -15.07 28.50
C LYS B 163 10.59 -15.54 27.69
N CYS B 164 9.55 -14.69 27.62
CA CYS B 164 8.34 -14.97 26.86
C CYS B 164 8.39 -14.34 25.47
N ILE B 165 8.16 -15.16 24.43
CA ILE B 165 8.05 -14.79 23.02
C ILE B 165 6.53 -14.80 22.76
N HIS B 166 5.95 -13.67 22.28
CA HIS B 166 4.50 -13.59 22.02
C HIS B 166 4.08 -14.55 20.91
N ARG B 167 4.75 -14.50 19.74
CA ARG B 167 4.48 -15.35 18.54
C ARG B 167 3.41 -14.78 17.59
N ASP B 168 2.45 -13.98 18.12
CA ASP B 168 1.37 -13.38 17.32
C ASP B 168 1.08 -11.94 17.77
N LEU B 169 2.12 -11.11 17.86
CA LEU B 169 1.92 -9.73 18.29
C LEU B 169 1.23 -8.93 17.18
N ALA B 170 0.04 -8.36 17.48
CA ALA B 170 -0.77 -7.57 16.53
C ALA B 170 -1.81 -6.78 17.34
N ALA B 171 -2.39 -5.70 16.75
CA ALA B 171 -3.42 -4.87 17.41
C ALA B 171 -4.61 -5.71 17.92
N ARG B 172 -5.00 -6.78 17.19
CA ARG B 172 -6.07 -7.73 17.58
C ARG B 172 -5.74 -8.43 18.91
N ASN B 173 -4.43 -8.52 19.28
CA ASN B 173 -3.98 -9.17 20.53
C ASN B 173 -3.47 -8.18 21.60
N VAL B 174 -3.92 -6.92 21.50
CA VAL B 174 -3.68 -5.85 22.45
C VAL B 174 -5.10 -5.52 22.91
N LEU B 175 -5.37 -5.55 24.21
CA LEU B 175 -6.68 -5.25 24.77
C LEU B 175 -6.63 -3.89 25.47
N VAL B 176 -7.77 -3.16 25.50
CA VAL B 176 -7.87 -1.81 26.09
C VAL B 176 -8.90 -1.77 27.25
N THR B 177 -8.46 -1.32 28.44
CA THR B 177 -9.30 -1.22 29.64
C THR B 177 -10.16 0.06 29.62
N GLU B 178 -11.03 0.24 30.65
CA GLU B 178 -11.89 1.42 30.84
C GLU B 178 -11.04 2.70 30.96
N ASP B 179 -9.85 2.58 31.58
CA ASP B 179 -8.91 3.69 31.80
C ASP B 179 -7.92 3.88 30.63
N ASN B 180 -8.24 3.27 29.45
CA ASN B 180 -7.48 3.32 28.19
C ASN B 180 -6.03 2.83 28.34
N VAL B 181 -5.85 1.76 29.13
CA VAL B 181 -4.54 1.15 29.37
C VAL B 181 -4.37 -0.01 28.39
N MET B 182 -3.25 -0.04 27.66
CA MET B 182 -2.93 -1.09 26.70
C MET B 182 -2.39 -2.34 27.40
N LYS B 183 -3.03 -3.51 27.15
CA LYS B 183 -2.61 -4.78 27.73
C LYS B 183 -2.37 -5.89 26.68
N ILE B 184 -1.12 -6.41 26.65
CA ILE B 184 -0.72 -7.50 25.76
C ILE B 184 -1.51 -8.76 26.21
N ALA B 185 -2.28 -9.35 25.30
CA ALA B 185 -3.05 -10.55 25.57
C ALA B 185 -2.52 -11.69 24.70
N ASP B 186 -2.85 -12.94 25.10
CA ASP B 186 -2.56 -14.19 24.40
C ASP B 186 -1.08 -14.39 24.03
N PHE B 187 -0.20 -13.98 24.93
CA PHE B 187 1.25 -14.14 24.78
C PHE B 187 1.61 -15.61 25.05
N GLY B 188 2.43 -16.16 24.17
CA GLY B 188 2.92 -17.54 24.22
C GLY B 188 1.87 -18.60 24.02
N LEU B 189 0.91 -18.36 23.09
CA LEU B 189 -0.21 -19.28 22.83
C LEU B 189 -0.31 -19.86 21.39
N ALA B 190 0.43 -19.29 20.42
CA ALA B 190 0.40 -19.77 19.03
C ALA B 190 1.03 -21.18 18.84
N ARG B 191 0.91 -21.75 17.62
CA ARG B 191 1.42 -23.08 17.27
C ARG B 191 2.82 -23.00 16.63
N ASP B 197 -0.10 -23.69 9.77
CA ASP B 197 -1.01 -23.16 8.75
C ASP B 197 -0.71 -21.69 8.47
N TYR B 198 -0.47 -21.35 7.18
CA TYR B 198 -0.12 -20.00 6.72
C TYR B 198 -1.25 -19.33 5.92
N TYR B 199 -2.13 -20.16 5.30
CA TYR B 199 -3.27 -19.74 4.49
C TYR B 199 -4.53 -19.48 5.34
N LYS B 200 -4.46 -19.78 6.67
CA LYS B 200 -5.54 -19.56 7.62
C LYS B 200 -5.59 -18.08 8.00
N LYS B 201 -6.80 -17.49 7.98
CA LYS B 201 -7.03 -16.07 8.28
C LYS B 201 -7.83 -15.86 9.58
N THR B 202 -7.96 -14.59 10.01
CA THR B 202 -8.71 -14.19 11.22
C THR B 202 -10.15 -13.76 10.83
N THR B 203 -10.90 -13.16 11.78
CA THR B 203 -12.27 -12.68 11.58
C THR B 203 -12.32 -11.16 11.34
N GLY B 205 -10.85 -10.96 8.40
CA GLY B 205 -10.32 -11.76 7.30
C GLY B 205 -8.89 -11.45 6.92
N ARG B 206 -8.05 -11.07 7.91
CA ARG B 206 -6.63 -10.76 7.71
C ARG B 206 -5.73 -11.97 7.97
N LEU B 207 -4.65 -12.09 7.20
CA LEU B 207 -3.69 -13.19 7.33
C LEU B 207 -2.63 -12.96 8.44
N PRO B 208 -2.60 -13.79 9.52
CA PRO B 208 -1.55 -13.65 10.55
C PRO B 208 -0.10 -13.60 10.03
N VAL B 209 0.16 -14.23 8.85
CA VAL B 209 1.47 -14.23 8.19
C VAL B 209 1.93 -12.81 7.81
N LYS B 210 0.97 -11.84 7.70
CA LYS B 210 1.29 -10.44 7.38
C LYS B 210 2.01 -9.73 8.52
N TRP B 211 2.06 -10.34 9.72
CA TRP B 211 2.75 -9.84 10.91
C TRP B 211 4.05 -10.63 11.18
N MET B 212 4.18 -11.79 10.53
CA MET B 212 5.28 -12.76 10.71
C MET B 212 6.59 -12.36 10.01
N ALA B 213 7.71 -12.29 10.76
CA ALA B 213 9.06 -12.02 10.23
C ALA B 213 9.43 -13.08 9.18
N PRO B 214 10.19 -12.74 8.11
CA PRO B 214 10.48 -13.74 7.05
C PRO B 214 11.23 -15.01 7.54
N GLU B 215 12.20 -14.83 8.43
CA GLU B 215 12.95 -15.95 9.02
C GLU B 215 12.07 -16.84 9.93
N ALA B 216 10.97 -16.27 10.47
CA ALA B 216 9.98 -17.02 11.24
C ALA B 216 9.14 -17.89 10.29
N LEU B 217 8.95 -17.41 9.05
CA LEU B 217 8.23 -18.05 7.93
C LEU B 217 8.97 -19.31 7.47
N PHE B 218 10.26 -19.15 7.09
CA PHE B 218 11.12 -20.22 6.57
C PHE B 218 11.57 -21.21 7.61
N ASP B 219 12.31 -20.74 8.64
CA ASP B 219 12.89 -21.57 9.71
C ASP B 219 11.86 -22.21 10.69
N ARG B 220 10.54 -21.95 10.48
CA ARG B 220 9.41 -22.49 11.26
C ARG B 220 9.46 -22.15 12.78
N ILE B 221 10.28 -21.14 13.18
CA ILE B 221 10.44 -20.71 14.58
C ILE B 221 10.08 -19.26 14.82
N TYR B 222 9.50 -18.99 16.00
CA TYR B 222 9.24 -17.64 16.46
C TYR B 222 10.38 -17.30 17.43
N THR B 223 10.94 -16.09 17.32
CA THR B 223 12.03 -15.58 18.16
C THR B 223 11.65 -14.19 18.74
N HIS B 224 12.48 -13.62 19.62
CA HIS B 224 12.22 -12.30 20.20
C HIS B 224 12.34 -11.21 19.12
N GLN B 225 13.25 -11.42 18.15
CA GLN B 225 13.50 -10.46 17.08
C GLN B 225 12.43 -10.54 16.03
N SER B 226 11.75 -11.71 15.91
CA SER B 226 10.63 -11.88 15.01
C SER B 226 9.40 -11.15 15.61
N ASP B 227 9.39 -10.95 16.95
CA ASP B 227 8.36 -10.23 17.70
C ASP B 227 8.55 -8.72 17.46
N VAL B 228 9.81 -8.27 17.29
CA VAL B 228 10.16 -6.87 17.01
C VAL B 228 9.61 -6.47 15.61
N TRP B 229 9.68 -7.42 14.64
CA TRP B 229 9.15 -7.26 13.29
C TRP B 229 7.65 -7.06 13.39
N SER B 230 6.98 -7.93 14.20
CA SER B 230 5.55 -7.90 14.45
C SER B 230 5.13 -6.57 15.09
N PHE B 231 5.99 -6.01 15.96
CA PHE B 231 5.78 -4.71 16.60
C PHE B 231 5.76 -3.58 15.55
N GLY B 232 6.56 -3.74 14.49
CA GLY B 232 6.64 -2.78 13.40
C GLY B 232 5.34 -2.73 12.64
N VAL B 233 4.74 -3.89 12.43
CA VAL B 233 3.45 -4.04 11.75
C VAL B 233 2.36 -3.45 12.64
N LEU B 234 2.48 -3.64 13.98
CA LEU B 234 1.57 -3.10 14.98
C LEU B 234 1.66 -1.55 14.99
N LEU B 235 2.89 -0.99 14.89
CA LEU B 235 3.14 0.45 14.80
C LEU B 235 2.40 1.04 13.60
N TRP B 236 2.52 0.38 12.42
CA TRP B 236 1.84 0.71 11.16
C TRP B 236 0.32 0.68 11.35
N GLU B 237 -0.21 -0.35 12.08
CA GLU B 237 -1.64 -0.49 12.40
C GLU B 237 -2.13 0.67 13.29
N ILE B 238 -1.29 1.14 14.24
CA ILE B 238 -1.65 2.24 15.14
C ILE B 238 -1.84 3.53 14.33
N PHE B 239 -0.85 3.88 13.49
CA PHE B 239 -0.88 5.14 12.76
C PHE B 239 -1.78 5.13 11.48
N THR B 240 -2.37 3.97 11.13
CA THR B 240 -3.35 3.82 10.04
C THR B 240 -4.74 3.71 10.68
N LEU B 241 -4.78 3.76 12.03
CA LEU B 241 -5.96 3.66 12.90
C LEU B 241 -6.75 2.37 12.65
N GLY B 242 -6.02 1.26 12.48
CA GLY B 242 -6.59 -0.06 12.24
C GLY B 242 -6.60 -0.47 10.78
N GLY B 243 -5.62 0.00 10.04
CA GLY B 243 -5.47 -0.34 8.62
C GLY B 243 -5.02 -1.77 8.42
N SER B 244 -5.46 -2.39 7.30
CA SER B 244 -5.13 -3.78 6.94
C SER B 244 -3.78 -3.84 6.23
N PRO B 245 -2.79 -4.58 6.77
CA PRO B 245 -1.48 -4.66 6.11
C PRO B 245 -1.61 -5.41 4.78
N TYR B 246 -0.92 -4.93 3.74
CA TYR B 246 -0.87 -5.51 2.38
C TYR B 246 -2.25 -5.94 1.86
N PRO B 247 -3.22 -5.02 1.64
CA PRO B 247 -4.56 -5.47 1.20
C PRO B 247 -4.55 -6.10 -0.20
N GLY B 248 -5.19 -7.27 -0.31
CA GLY B 248 -5.31 -8.05 -1.55
C GLY B 248 -4.07 -8.81 -1.95
N VAL B 249 -3.06 -8.88 -1.05
CA VAL B 249 -1.81 -9.58 -1.33
C VAL B 249 -1.90 -10.99 -0.72
N PRO B 250 -1.90 -12.06 -1.56
CA PRO B 250 -1.95 -13.42 -1.01
C PRO B 250 -0.60 -13.83 -0.45
N VAL B 251 -0.59 -14.92 0.33
CA VAL B 251 0.56 -15.50 1.02
C VAL B 251 1.83 -15.56 0.17
N GLU B 252 1.75 -16.18 -1.01
CA GLU B 252 2.87 -16.39 -1.93
C GLU B 252 3.42 -15.08 -2.49
N GLU B 253 2.54 -14.11 -2.83
CA GLU B 253 2.97 -12.81 -3.35
C GLU B 253 3.65 -11.99 -2.24
N LEU B 254 3.18 -12.13 -0.97
CA LEU B 254 3.76 -11.44 0.19
C LEU B 254 5.21 -11.86 0.40
N PHE B 255 5.45 -13.18 0.35
CA PHE B 255 6.77 -13.82 0.49
C PHE B 255 7.71 -13.27 -0.55
N LYS B 256 7.20 -13.09 -1.78
CA LYS B 256 7.94 -12.52 -2.90
C LYS B 256 8.33 -11.06 -2.60
N LEU B 257 7.36 -10.21 -2.16
CA LEU B 257 7.59 -8.79 -1.79
C LEU B 257 8.73 -8.62 -0.78
N LEU B 258 8.66 -9.36 0.33
CA LEU B 258 9.64 -9.32 1.42
C LEU B 258 11.02 -9.77 0.94
N LYS B 259 11.07 -10.82 0.08
CA LYS B 259 12.32 -11.32 -0.53
C LYS B 259 12.98 -10.19 -1.34
N GLU B 260 12.17 -9.42 -2.12
CA GLU B 260 12.58 -8.27 -2.94
C GLU B 260 12.93 -7.03 -2.10
N GLY B 261 12.79 -7.13 -0.78
CA GLY B 261 13.09 -6.03 0.15
C GLY B 261 12.03 -4.96 0.23
N HIS B 262 10.83 -5.21 -0.37
CA HIS B 262 9.71 -4.27 -0.33
C HIS B 262 9.11 -4.23 1.07
N ARG B 263 8.76 -3.02 1.53
CA ARG B 263 8.17 -2.74 2.83
C ARG B 263 6.92 -1.88 2.66
N MET B 264 6.00 -1.91 3.64
CA MET B 264 4.76 -1.13 3.61
C MET B 264 5.07 0.35 3.65
N ASP B 265 4.27 1.13 2.92
CA ASP B 265 4.39 2.58 2.79
C ASP B 265 4.11 3.30 4.08
N LYS B 266 4.74 4.48 4.23
CA LYS B 266 4.59 5.38 5.36
C LYS B 266 3.14 5.86 5.40
N PRO B 267 2.42 5.62 6.51
CA PRO B 267 1.02 6.06 6.57
C PRO B 267 0.88 7.57 6.68
N SER B 268 -0.29 8.10 6.31
CA SER B 268 -0.61 9.52 6.41
C SER B 268 -0.84 9.82 7.89
N ASN B 269 -0.37 11.00 8.35
CA ASN B 269 -0.40 11.43 9.75
C ASN B 269 0.53 10.52 10.57
N CYS B 270 1.84 10.56 10.23
CA CYS B 270 2.94 9.80 10.82
C CYS B 270 4.28 10.44 10.45
N THR B 271 5.24 10.50 11.39
CA THR B 271 6.56 11.14 11.22
C THR B 271 7.62 10.21 10.60
N ASN B 272 8.72 10.79 10.08
CA ASN B 272 9.81 10.01 9.48
C ASN B 272 10.64 9.22 10.51
N GLU B 273 10.67 9.69 11.79
CA GLU B 273 11.38 8.97 12.86
C GLU B 273 10.55 7.75 13.28
N LEU B 274 9.20 7.90 13.35
CA LEU B 274 8.26 6.81 13.66
C LEU B 274 8.23 5.80 12.51
N TYR B 275 8.37 6.27 11.24
CA TYR B 275 8.41 5.41 10.07
C TYR B 275 9.74 4.68 10.01
N MET B 276 10.86 5.37 10.32
CA MET B 276 12.16 4.71 10.34
C MET B 276 12.25 3.68 11.50
N MET B 277 11.45 3.88 12.57
CA MET B 277 11.31 2.94 13.69
C MET B 277 10.64 1.67 13.16
N MET B 278 9.60 1.82 12.30
CA MET B 278 8.90 0.72 11.64
C MET B 278 9.88 0.01 10.70
N ARG B 279 10.69 0.78 9.92
CA ARG B 279 11.70 0.27 8.99
C ARG B 279 12.79 -0.51 9.72
N ASP B 280 13.22 -0.03 10.91
CA ASP B 280 14.21 -0.68 11.80
C ASP B 280 13.71 -2.08 12.20
N CYS B 281 12.41 -2.17 12.55
CA CYS B 281 11.74 -3.42 12.93
C CYS B 281 11.65 -4.35 11.73
N TRP B 282 11.64 -3.79 10.49
CA TRP B 282 11.55 -4.61 9.28
C TRP B 282 12.91 -4.86 8.58
N HIS B 283 14.03 -4.84 9.35
CA HIS B 283 15.36 -5.17 8.85
C HIS B 283 15.35 -6.65 8.42
N ALA B 284 16.00 -6.97 7.30
CA ALA B 284 16.03 -8.34 6.77
C ALA B 284 16.84 -9.30 7.65
N VAL B 285 17.76 -8.74 8.46
CA VAL B 285 18.59 -9.52 9.37
C VAL B 285 18.15 -9.23 10.82
N PRO B 286 17.69 -10.28 11.55
CA PRO B 286 17.17 -10.08 12.92
C PRO B 286 18.05 -9.31 13.89
N SER B 287 19.40 -9.48 13.80
CA SER B 287 20.36 -8.80 14.66
C SER B 287 20.38 -7.26 14.48
N GLN B 288 20.00 -6.79 13.28
CA GLN B 288 19.95 -5.36 12.91
C GLN B 288 18.78 -4.62 13.53
N ARG B 289 17.66 -5.34 13.80
CA ARG B 289 16.43 -4.79 14.39
C ARG B 289 16.70 -4.30 15.83
N PRO B 290 16.00 -3.24 16.32
CA PRO B 290 16.22 -2.83 17.72
C PRO B 290 15.56 -3.83 18.69
N THR B 291 15.89 -3.72 19.97
CA THR B 291 15.34 -4.58 21.01
C THR B 291 14.14 -3.87 21.57
N PHE B 292 13.28 -4.56 22.35
CA PHE B 292 12.15 -3.90 22.99
C PHE B 292 12.64 -2.86 23.99
N LYS B 293 13.79 -3.12 24.64
CA LYS B 293 14.45 -2.21 25.55
C LYS B 293 14.86 -0.93 24.77
N GLN B 294 15.47 -1.10 23.57
CA GLN B 294 15.82 0.04 22.71
C GLN B 294 14.56 0.76 22.22
N LEU B 295 13.49 0.01 21.87
CA LEU B 295 12.21 0.60 21.39
C LEU B 295 11.50 1.41 22.47
N VAL B 296 11.51 0.93 23.73
CA VAL B 296 10.90 1.61 24.88
C VAL B 296 11.59 2.94 25.15
N GLU B 297 12.96 2.97 25.08
CA GLU B 297 13.78 4.18 25.31
C GLU B 297 13.42 5.28 24.29
N ASP B 298 13.42 4.94 22.98
CA ASP B 298 13.08 5.84 21.88
C ASP B 298 11.64 6.35 21.96
N LEU B 299 10.66 5.44 22.20
CA LEU B 299 9.26 5.81 22.33
C LEU B 299 9.01 6.72 23.52
N ASP B 300 9.72 6.50 24.65
CA ASP B 300 9.60 7.33 25.86
C ASP B 300 10.02 8.79 25.57
N ARG B 301 11.06 8.94 24.74
CA ARG B 301 11.63 10.20 24.31
C ARG B 301 10.66 10.96 23.38
N ILE B 302 9.94 10.23 22.50
CA ILE B 302 9.00 10.81 21.54
C ILE B 302 7.71 11.30 22.21
N VAL B 303 7.14 10.54 23.18
CA VAL B 303 5.89 10.91 23.89
C VAL B 303 6.05 12.29 24.59
N ALA B 304 7.23 12.52 25.21
CA ALA B 304 7.58 13.76 25.90
C ALA B 304 7.77 14.89 24.87
N LEU B 305 8.40 14.58 23.72
CA LEU B 305 8.67 15.51 22.63
C LEU B 305 7.51 15.69 21.61
N THR B 306 6.28 15.18 21.92
CA THR B 306 5.10 15.32 21.04
C THR B 306 3.86 15.80 21.81
N SER B 307 2.94 16.53 21.12
CA SER B 307 1.71 17.08 21.72
C SER B 307 0.48 16.83 20.85
C1 LWJ C . 4.19 7.78 -31.04
C2 LWJ C . 4.33 8.27 -29.70
N3 LWJ C . 3.07 8.82 -29.33
C4 LWJ C . 2.22 8.59 -30.43
N5 LWJ C . 2.87 7.99 -31.47
C6 LWJ C . 13.19 6.91 -25.03
C7 LWJ C . 13.66 8.26 -24.96
C8 LWJ C . 14.78 8.64 -24.18
C9 LWJ C . 15.41 7.65 -23.44
C10 LWJ C . 14.95 6.29 -23.48
C11 LWJ C . 13.86 5.91 -24.26
C12 LWJ C . 11.90 8.18 -26.41
N13 LWJ C . 12.84 9.01 -25.79
C14 LWJ C . 12.06 6.89 -25.92
C15 LWJ C . 8.72 8.60 -28.65
C16 LWJ C . 9.78 8.03 -27.87
C17 LWJ C . 9.47 6.60 -27.80
N18 LWJ C . 8.36 6.31 -28.49
N19 LWJ C . 7.90 7.53 -29.02
C20 LWJ C . 10.88 8.79 -27.29
O21 LWJ C . 10.93 10.00 -27.43
C22 LWJ C . 6.65 7.63 -29.73
C23 LWJ C . 5.56 8.18 -29.02
C24 LWJ C . 5.31 7.20 -31.73
C25 LWJ C . 6.53 7.10 -31.07
N26 LWJ C . 8.51 9.91 -28.98
C27 LWJ C . 0.79 8.96 -30.41
S SO4 D . -3.37 20.99 -42.95
O1 SO4 D . -4.03 21.97 -42.08
O2 SO4 D . -4.33 19.96 -43.29
O3 SO4 D . -2.90 21.66 -44.16
O4 SO4 D . -2.21 20.38 -42.25
C1 LWJ E . -5.79 -14.89 28.34
C2 LWJ E . -5.59 -13.60 27.74
N3 LWJ E . -4.20 -13.41 27.65
C4 LWJ E . -3.62 -14.59 28.13
N5 LWJ E . -4.55 -15.47 28.58
C6 LWJ E . -13.83 -8.81 24.82
C7 LWJ E . -13.78 -7.57 25.57
C8 LWJ E . -14.67 -6.50 25.29
C9 LWJ E . -15.56 -6.68 24.23
C10 LWJ E . -15.60 -7.90 23.47
C11 LWJ E . -14.74 -8.97 23.77
C12 LWJ E . -12.24 -8.99 26.44
N13 LWJ E . -12.81 -7.71 26.55
C14 LWJ E . -12.84 -9.67 25.38
C15 LWJ E . -9.40 -11.20 27.92
C16 LWJ E . -10.45 -10.69 27.13
C17 LWJ E . -10.59 -11.64 26.07
N18 LWJ E . -9.73 -12.67 26.18
N19 LWJ E . -9.02 -12.41 27.33
C20 LWJ E . -11.15 -9.43 27.35
O21 LWJ E . -10.88 -8.73 28.32
C22 LWJ E . -7.92 -13.25 27.71
C23 LWJ E . -6.66 -12.75 27.42
C24 LWJ E . -7.10 -15.37 28.61
C25 LWJ E . -8.18 -14.55 28.26
N26 LWJ E . -8.84 -10.66 29.04
C27 LWJ E . -2.16 -14.79 28.16
#